data_5AOK
#
_entry.id   5AOK
#
_cell.length_a   65.013
_cell.length_b   70.989
_cell.length_c   105.177
_cell.angle_alpha   90.00
_cell.angle_beta   90.00
_cell.angle_gamma   90.00
#
_symmetry.space_group_name_H-M   'P 21 21 21'
#
loop_
_entity.id
_entity.type
_entity.pdbx_description
1 polymer 'CELLULAR TUMOR ANTIGEN P53'
2 non-polymer 'ZINC ION'
3 non-polymer GLYCEROL
4 non-polymer 5-[2-cyclopropyl-5-(1H-pyrrol-1-yl)-1,3-oxazol-4-yl]-1H-1,2,3,4-tetrazole
5 non-polymer DI(HYDROXYETHYL)ETHER
6 water water
#
_entity_poly.entity_id   1
_entity_poly.type   'polypeptide(L)'
_entity_poly.pdbx_seq_one_letter_code
;SSSVPSQKTYQGSYGFRLGFLHSGTAKSVTCTYSPALNKLFCQLAKTCPVQLWVDSTPPPGTRVRAMAIYKQSQHMTEVV
RRCPHHERCSDSDGLAPPQHLIRVEGNLRAEYLDDRNTFRHSVVVPCEPPEVGSDCTTIHYNYMCYSSCMGGMNRRPILT
IITLEDSSGNLLGRDSFEVRVCACPGRDRRTEEENLRKKGEPHHELPPGSTKRALPNNT
;
_entity_poly.pdbx_strand_id   A,B
#
loop_
_chem_comp.id
_chem_comp.type
_chem_comp.name
_chem_comp.formula
GOH non-polymer 5-[2-cyclopropyl-5-(1H-pyrrol-1-yl)-1,3-oxazol-4-yl]-1H-1,2,3,4-tetrazole 'C11 H10 N6 O'
GOL non-polymer GLYCEROL 'C3 H8 O3'
PEG non-polymer DI(HYDROXYETHYL)ETHER 'C4 H10 O3'
ZN non-polymer 'ZINC ION' 'Zn 2'
#
# COMPACT_ATOMS: atom_id res chain seq x y z
N SER A 3 -7.61 -7.69 9.22
CA SER A 3 -8.85 -7.43 8.52
C SER A 3 -8.59 -6.87 7.12
N VAL A 4 -7.31 -6.69 6.80
CA VAL A 4 -6.89 -6.24 5.48
C VAL A 4 -5.64 -7.01 5.00
N PRO A 5 -5.77 -7.76 3.90
CA PRO A 5 -4.62 -8.49 3.36
C PRO A 5 -3.52 -7.55 2.89
N SER A 6 -2.25 -7.89 3.16
CA SER A 6 -1.13 -7.10 2.66
C SER A 6 -1.08 -7.08 1.14
N GLN A 7 -0.67 -5.95 0.56
CA GLN A 7 -0.44 -5.87 -0.86
C GLN A 7 1.01 -5.57 -1.18
N LYS A 8 1.90 -5.74 -0.21
CA LYS A 8 3.31 -5.42 -0.43
C LYS A 8 3.99 -6.39 -1.39
N THR A 9 4.60 -5.84 -2.43
CA THR A 9 5.34 -6.66 -3.37
C THR A 9 6.52 -7.31 -2.65
N TYR A 10 6.67 -8.61 -2.85
CA TYR A 10 7.69 -9.38 -2.15
C TYR A 10 8.15 -10.53 -3.03
N GLN A 11 9.35 -10.43 -3.60
CA GLN A 11 9.80 -11.49 -4.49
C GLN A 11 10.15 -12.75 -3.71
N GLY A 12 10.68 -12.59 -2.50
CA GLY A 12 11.03 -13.74 -1.67
C GLY A 12 12.20 -14.54 -2.20
N SER A 13 12.41 -15.70 -1.60
N SER A 13 12.44 -15.71 -1.61
CA SER A 13 13.59 -16.52 -1.88
CA SER A 13 13.64 -16.46 -1.91
C SER A 13 13.63 -17.02 -3.32
C SER A 13 13.63 -17.13 -3.28
N TYR A 14 12.46 -17.20 -3.92
CA TYR A 14 12.37 -17.79 -5.25
C TYR A 14 12.27 -16.76 -6.37
N GLY A 15 12.31 -15.49 -6.04
CA GLY A 15 12.28 -14.43 -7.05
C GLY A 15 10.96 -14.39 -7.78
N PHE A 16 9.87 -14.46 -7.03
CA PHE A 16 8.53 -14.54 -7.59
C PHE A 16 8.02 -13.20 -8.11
N ARG A 17 7.50 -13.18 -9.34
CA ARG A 17 6.83 -11.99 -9.86
C ARG A 17 5.92 -12.36 -11.01
N LEU A 18 4.95 -11.50 -11.29
CA LEU A 18 4.02 -11.75 -12.39
C LEU A 18 4.56 -11.28 -13.74
N GLY A 19 3.96 -11.78 -14.81
CA GLY A 19 4.21 -11.24 -16.14
C GLY A 19 2.91 -11.17 -16.90
N PHE A 20 2.81 -10.22 -17.83
CA PHE A 20 1.60 -10.03 -18.62
C PHE A 20 1.95 -10.01 -20.10
N LEU A 21 1.03 -10.51 -20.91
CA LEU A 21 1.18 -10.43 -22.37
C LEU A 21 1.05 -9.00 -22.87
N HIS A 22 1.38 -8.78 -24.13
CA HIS A 22 1.23 -7.47 -24.76
C HIS A 22 0.16 -7.52 -25.82
N SER A 23 -1.08 -7.28 -25.41
CA SER A 23 -2.24 -7.52 -26.25
C SER A 23 -2.70 -6.28 -27.02
N GLY A 24 -2.16 -5.11 -26.70
CA GLY A 24 -2.51 -3.90 -27.41
C GLY A 24 -3.83 -3.33 -26.94
N THR A 25 -4.30 -2.28 -27.61
CA THR A 25 -5.47 -1.56 -27.15
C THR A 25 -6.55 -1.37 -28.22
N ALA A 26 -6.59 -2.28 -29.20
CA ALA A 26 -7.65 -2.25 -30.21
C ALA A 26 -9.01 -2.36 -29.53
N LYS A 27 -10.02 -1.77 -30.16
CA LYS A 27 -11.37 -1.76 -29.61
C LYS A 27 -11.89 -3.17 -29.32
N SER A 28 -11.41 -4.15 -30.08
CA SER A 28 -11.86 -5.53 -29.95
C SER A 28 -11.14 -6.37 -28.88
N VAL A 29 -10.09 -5.81 -28.26
CA VAL A 29 -9.29 -6.60 -27.33
C VAL A 29 -10.10 -6.96 -26.08
N THR A 30 -9.92 -8.19 -25.58
CA THR A 30 -10.73 -8.68 -24.49
C THR A 30 -10.02 -8.62 -23.13
N CYS A 31 -8.69 -8.48 -23.18
CA CYS A 31 -7.87 -8.42 -21.97
C CYS A 31 -6.60 -7.69 -22.36
N THR A 32 -6.22 -6.68 -21.59
CA THR A 32 -5.01 -5.94 -21.89
C THR A 32 -4.43 -5.33 -20.62
N TYR A 33 -3.10 -5.37 -20.52
CA TYR A 33 -2.41 -4.94 -19.31
C TYR A 33 -1.62 -3.66 -19.56
N SER A 34 -1.78 -2.69 -18.65
CA SER A 34 -1.04 -1.43 -18.68
C SER A 34 0.11 -1.42 -17.69
N PRO A 35 1.36 -1.52 -18.18
CA PRO A 35 2.48 -1.40 -17.24
C PRO A 35 2.54 -0.03 -16.56
N ALA A 36 2.19 1.04 -17.26
CA ALA A 36 2.28 2.37 -16.66
C ALA A 36 1.34 2.52 -15.48
N LEU A 37 0.19 1.85 -15.55
CA LEU A 37 -0.82 1.94 -14.49
C LEU A 37 -0.78 0.75 -13.53
N ASN A 38 0.05 -0.25 -13.83
CA ASN A 38 -0.03 -1.58 -13.21
C ASN A 38 -1.48 -2.03 -13.10
N LYS A 39 -2.17 -2.08 -14.24
CA LYS A 39 -3.61 -2.28 -14.24
C LYS A 39 -4.03 -3.15 -15.41
N LEU A 40 -4.77 -4.21 -15.10
CA LEU A 40 -5.35 -5.09 -16.09
C LEU A 40 -6.77 -4.64 -16.43
N PHE A 41 -7.07 -4.56 -17.72
CA PHE A 41 -8.40 -4.20 -18.21
C PHE A 41 -8.96 -5.41 -18.91
N CYS A 42 -10.15 -5.88 -18.53
CA CYS A 42 -10.66 -7.10 -19.17
C CYS A 42 -12.17 -7.07 -19.27
N GLN A 43 -12.69 -7.81 -20.24
CA GLN A 43 -14.12 -8.02 -20.37
C GLN A 43 -14.60 -9.08 -19.39
N LEU A 44 -15.89 -9.05 -19.13
CA LEU A 44 -16.54 -9.99 -18.24
C LEU A 44 -16.35 -11.45 -18.65
N ALA A 45 -15.83 -12.26 -17.74
CA ALA A 45 -15.68 -13.70 -17.90
C ALA A 45 -14.75 -14.12 -19.04
N LYS A 46 -13.89 -13.22 -19.49
CA LYS A 46 -12.94 -13.57 -20.55
C LYS A 46 -11.59 -13.96 -19.96
N THR A 47 -10.83 -14.73 -20.72
CA THR A 47 -9.54 -15.24 -20.29
C THR A 47 -8.54 -14.13 -20.00
N CYS A 48 -7.96 -14.16 -18.80
CA CYS A 48 -6.89 -13.25 -18.42
C CYS A 48 -5.62 -14.05 -18.12
N PRO A 49 -4.68 -14.09 -19.07
CA PRO A 49 -3.45 -14.87 -18.85
C PRO A 49 -2.50 -14.10 -17.95
N VAL A 50 -2.00 -14.77 -16.91
CA VAL A 50 -1.03 -14.18 -16.01
C VAL A 50 0.16 -15.14 -15.89
N GLN A 51 1.33 -14.67 -16.28
CA GLN A 51 2.54 -15.48 -16.15
C GLN A 51 3.06 -15.48 -14.72
N LEU A 52 3.59 -16.62 -14.30
CA LEU A 52 4.15 -16.76 -12.98
C LEU A 52 5.65 -17.01 -13.13
N TRP A 53 6.46 -16.00 -12.84
CA TRP A 53 7.91 -16.10 -13.01
C TRP A 53 8.61 -16.34 -11.69
N VAL A 54 9.62 -17.20 -11.72
CA VAL A 54 10.52 -17.38 -10.58
C VAL A 54 11.96 -17.49 -11.07
N ASP A 55 12.90 -17.13 -10.20
CA ASP A 55 14.33 -17.34 -10.48
C ASP A 55 14.78 -18.75 -10.16
N SER A 56 14.11 -19.41 -9.22
CA SER A 56 14.48 -20.76 -8.86
C SER A 56 13.24 -21.57 -8.53
N THR A 57 13.36 -22.89 -8.65
CA THR A 57 12.24 -23.80 -8.49
C THR A 57 11.79 -23.87 -7.03
N PRO A 58 10.51 -23.59 -6.76
CA PRO A 58 10.03 -23.75 -5.38
C PRO A 58 9.73 -25.21 -5.07
N PRO A 59 9.55 -25.54 -3.79
CA PRO A 59 9.34 -26.94 -3.41
C PRO A 59 8.03 -27.53 -3.93
N PRO A 60 7.98 -28.87 -4.07
CA PRO A 60 6.69 -29.53 -4.35
C PRO A 60 5.67 -29.14 -3.30
N GLY A 61 4.44 -28.84 -3.74
CA GLY A 61 3.40 -28.47 -2.80
C GLY A 61 3.22 -26.96 -2.67
N THR A 62 4.14 -26.18 -3.26
CA THR A 62 3.96 -24.74 -3.32
C THR A 62 2.69 -24.43 -4.12
N ARG A 63 1.98 -23.35 -3.75
CA ARG A 63 0.73 -23.01 -4.41
C ARG A 63 0.69 -21.52 -4.75
N VAL A 64 -0.23 -21.16 -5.64
CA VAL A 64 -0.43 -19.78 -6.06
C VAL A 64 -1.88 -19.39 -5.82
N ARG A 65 -2.10 -18.36 -4.99
CA ARG A 65 -3.44 -17.91 -4.60
C ARG A 65 -3.73 -16.54 -5.20
N ALA A 66 -4.98 -16.34 -5.61
CA ALA A 66 -5.47 -15.03 -6.05
C ALA A 66 -6.62 -14.56 -5.16
N MET A 67 -6.61 -13.28 -4.81
CA MET A 67 -7.62 -12.68 -3.96
C MET A 67 -7.83 -11.24 -4.40
N ALA A 68 -9.07 -10.77 -4.41
CA ALA A 68 -9.36 -9.37 -4.71
C ALA A 68 -9.62 -8.57 -3.45
N ILE A 69 -9.12 -7.35 -3.40
CA ILE A 69 -9.49 -6.39 -2.37
C ILE A 69 -9.85 -5.05 -3.00
N TYR A 70 -10.63 -4.23 -2.30
CA TYR A 70 -10.85 -2.88 -2.80
C TYR A 70 -9.56 -2.08 -2.67
N LYS A 71 -9.29 -1.25 -3.68
CA LYS A 71 -8.07 -0.46 -3.71
C LYS A 71 -8.11 0.75 -2.77
N GLN A 72 -9.28 1.37 -2.63
CA GLN A 72 -9.41 2.56 -1.78
C GLN A 72 -9.45 2.15 -0.32
N SER A 73 -8.65 2.82 0.51
CA SER A 73 -8.51 2.44 1.92
CA SER A 73 -8.51 2.45 1.92
C SER A 73 -9.85 2.41 2.65
N GLN A 74 -10.74 3.35 2.34
CA GLN A 74 -12.01 3.41 3.05
C GLN A 74 -12.96 2.25 2.71
N HIS A 75 -12.60 1.42 1.74
CA HIS A 75 -13.40 0.26 1.37
C HIS A 75 -12.66 -1.05 1.59
N MET A 76 -11.42 -0.98 2.07
CA MET A 76 -10.53 -2.14 2.08
CA MET A 76 -10.57 -2.15 2.02
C MET A 76 -11.00 -3.28 2.97
N THR A 77 -11.77 -2.96 4.01
CA THR A 77 -12.25 -4.01 4.91
C THR A 77 -13.49 -4.73 4.36
N GLU A 78 -14.07 -4.24 3.27
CA GLU A 78 -15.24 -4.88 2.66
C GLU A 78 -14.83 -6.02 1.75
N VAL A 79 -15.45 -7.18 1.92
CA VAL A 79 -15.17 -8.33 1.08
C VAL A 79 -15.58 -8.03 -0.35
N VAL A 80 -14.66 -8.23 -1.30
CA VAL A 80 -15.00 -8.15 -2.72
C VAL A 80 -15.75 -9.40 -3.15
N ARG A 81 -16.96 -9.24 -3.64
CA ARG A 81 -17.79 -10.37 -4.04
C ARG A 81 -18.59 -10.03 -5.29
N ARG A 82 -19.18 -11.04 -5.92
CA ARG A 82 -20.06 -10.76 -7.03
C ARG A 82 -21.34 -10.07 -6.56
N CYS A 83 -21.93 -9.28 -7.45
CA CYS A 83 -23.07 -8.45 -7.15
C CYS A 83 -24.35 -9.30 -6.98
N PRO A 84 -25.46 -8.67 -6.53
CA PRO A 84 -26.66 -9.47 -6.26
C PRO A 84 -27.26 -10.11 -7.51
N HIS A 85 -26.97 -9.55 -8.69
CA HIS A 85 -27.39 -10.17 -9.93
C HIS A 85 -26.49 -11.36 -10.29
N HIS A 86 -25.19 -11.11 -10.39
CA HIS A 86 -24.31 -12.15 -10.92
C HIS A 86 -24.14 -13.34 -9.98
N GLU A 87 -24.25 -13.16 -8.67
CA GLU A 87 -24.15 -14.33 -7.78
C GLU A 87 -25.35 -15.29 -7.98
N ARG A 88 -26.40 -14.82 -8.66
CA ARG A 88 -27.61 -15.61 -8.89
C ARG A 88 -27.84 -16.02 -10.34
N CYS A 89 -26.87 -15.83 -11.22
N CYS A 89 -26.84 -15.84 -11.18
CA CYS A 89 -27.18 -16.04 -12.63
CA CYS A 89 -26.97 -16.02 -12.63
C CYS A 89 -26.82 -17.44 -13.15
C CYS A 89 -26.98 -17.47 -13.09
N SER A 90 -26.48 -18.36 -12.25
CA SER A 90 -26.31 -19.78 -12.60
C SER A 90 -25.34 -19.96 -13.77
N ASP A 91 -24.17 -19.36 -13.64
CA ASP A 91 -23.13 -19.52 -14.65
C ASP A 91 -21.99 -20.33 -14.07
N SER A 92 -22.33 -21.19 -13.11
CA SER A 92 -21.37 -22.06 -12.43
C SER A 92 -20.58 -22.94 -13.39
N ASP A 93 -19.29 -23.07 -13.12
CA ASP A 93 -18.44 -23.98 -13.88
C ASP A 93 -18.34 -25.32 -13.18
N GLY A 94 -19.14 -25.49 -12.13
CA GLY A 94 -19.15 -26.73 -11.37
C GLY A 94 -18.13 -26.79 -10.25
N LEU A 95 -17.34 -25.73 -10.09
CA LEU A 95 -16.29 -25.73 -9.07
C LEU A 95 -16.26 -24.41 -8.28
N ALA A 96 -16.31 -23.29 -8.99
CA ALA A 96 -16.32 -21.99 -8.32
C ALA A 96 -17.65 -21.72 -7.63
N PRO A 97 -17.62 -21.30 -6.36
CA PRO A 97 -18.88 -20.84 -5.75
C PRO A 97 -19.42 -19.64 -6.53
N PRO A 98 -20.73 -19.52 -6.67
CA PRO A 98 -21.32 -18.45 -7.47
C PRO A 98 -21.03 -17.04 -6.95
N GLN A 99 -20.61 -16.92 -5.69
CA GLN A 99 -20.29 -15.62 -5.11
C GLN A 99 -18.90 -15.11 -5.47
N HIS A 100 -18.01 -16.00 -5.92
CA HIS A 100 -16.61 -15.62 -6.12
C HIS A 100 -16.39 -14.82 -7.40
N LEU A 101 -15.73 -13.67 -7.24
CA LEU A 101 -15.39 -12.83 -8.39
C LEU A 101 -14.37 -13.49 -9.30
N ILE A 102 -13.30 -14.04 -8.71
CA ILE A 102 -12.19 -14.57 -9.49
C ILE A 102 -12.28 -16.08 -9.62
N ARG A 103 -12.28 -16.56 -10.86
CA ARG A 103 -12.19 -17.98 -11.17
C ARG A 103 -10.88 -18.29 -11.85
N VAL A 104 -10.43 -19.54 -11.70
CA VAL A 104 -9.38 -20.07 -12.53
C VAL A 104 -10.01 -20.95 -13.60
N GLU A 105 -9.57 -20.72 -14.83
CA GLU A 105 -10.05 -21.43 -16.01
C GLU A 105 -9.21 -22.67 -16.32
N GLY A 106 -9.85 -23.79 -16.62
CA GLY A 106 -9.17 -24.95 -17.14
C GLY A 106 -8.14 -25.59 -16.22
N ASN A 107 -8.47 -25.67 -14.94
CA ASN A 107 -7.58 -26.35 -14.00
C ASN A 107 -8.42 -27.03 -12.93
N LEU A 108 -8.55 -28.35 -13.04
CA LEU A 108 -9.40 -29.10 -12.14
C LEU A 108 -8.85 -29.18 -10.72
N ARG A 109 -7.60 -28.74 -10.53
CA ARG A 109 -7.00 -28.75 -9.19
C ARG A 109 -7.17 -27.42 -8.47
N ALA A 110 -7.85 -26.47 -9.10
CA ALA A 110 -8.18 -25.21 -8.44
C ALA A 110 -9.05 -25.45 -7.22
N GLU A 111 -8.74 -24.76 -6.13
CA GLU A 111 -9.54 -24.83 -4.92
CA GLU A 111 -9.50 -24.82 -4.88
C GLU A 111 -10.02 -23.43 -4.57
N TYR A 112 -11.28 -23.35 -4.14
CA TYR A 112 -11.92 -22.10 -3.79
C TYR A 112 -12.11 -22.03 -2.28
N LEU A 113 -11.63 -20.96 -1.67
CA LEU A 113 -11.71 -20.79 -0.23
C LEU A 113 -12.66 -19.67 0.16
N ASP A 114 -13.58 -19.97 1.08
CA ASP A 114 -14.31 -18.97 1.84
C ASP A 114 -13.64 -18.93 3.20
N ASP A 115 -12.89 -17.88 3.49
CA ASP A 115 -12.14 -17.84 4.75
C ASP A 115 -13.10 -17.81 5.92
N ARG A 116 -12.93 -18.73 6.87
CA ARG A 116 -13.89 -18.85 7.96
C ARG A 116 -13.82 -17.68 8.94
N ASN A 117 -12.70 -16.95 8.93
CA ASN A 117 -12.54 -15.83 9.83
C ASN A 117 -12.73 -14.46 9.18
N THR A 118 -12.21 -14.28 7.97
CA THR A 118 -12.28 -12.99 7.29
C THR A 118 -13.43 -12.90 6.29
N PHE A 119 -13.96 -14.07 5.93
CA PHE A 119 -15.03 -14.21 4.94
C PHE A 119 -14.60 -13.82 3.52
N ARG A 120 -13.30 -13.60 3.33
CA ARG A 120 -12.82 -13.29 2.00
C ARG A 120 -12.73 -14.52 1.11
N HIS A 121 -12.87 -14.29 -0.18
CA HIS A 121 -12.81 -15.35 -1.19
C HIS A 121 -11.42 -15.40 -1.80
N SER A 122 -10.98 -16.60 -2.15
CA SER A 122 -9.77 -16.73 -2.93
C SER A 122 -9.79 -18.02 -3.71
N VAL A 123 -8.92 -18.10 -4.71
CA VAL A 123 -8.78 -19.32 -5.49
C VAL A 123 -7.30 -19.66 -5.59
N VAL A 124 -6.98 -20.91 -5.31
CA VAL A 124 -5.59 -21.33 -5.19
C VAL A 124 -5.34 -22.58 -6.03
N VAL A 125 -4.19 -22.63 -6.69
CA VAL A 125 -3.80 -23.78 -7.50
C VAL A 125 -2.42 -24.27 -7.11
N PRO A 126 -2.15 -25.55 -7.33
CA PRO A 126 -0.79 -26.04 -7.07
C PRO A 126 0.19 -25.52 -8.12
N CYS A 127 1.40 -25.15 -7.73
CA CYS A 127 2.46 -24.90 -8.69
C CYS A 127 2.76 -26.14 -9.51
N GLU A 128 2.99 -25.95 -10.80
CA GLU A 128 3.45 -27.03 -11.66
C GLU A 128 4.74 -26.61 -12.35
N PRO A 129 5.57 -27.58 -12.74
CA PRO A 129 6.77 -27.23 -13.50
C PRO A 129 6.39 -26.72 -14.90
N PRO A 130 7.21 -25.82 -15.45
CA PRO A 130 6.98 -25.40 -16.83
C PRO A 130 7.08 -26.56 -17.81
N GLU A 131 6.33 -26.47 -18.91
CA GLU A 131 6.46 -27.45 -19.97
C GLU A 131 7.78 -27.27 -20.70
N VAL A 132 8.24 -28.33 -21.33
CA VAL A 132 9.48 -28.26 -22.08
C VAL A 132 9.35 -27.22 -23.19
N GLY A 133 10.28 -26.28 -23.22
CA GLY A 133 10.22 -25.19 -24.18
C GLY A 133 9.68 -23.89 -23.61
N SER A 134 9.17 -23.96 -22.39
CA SER A 134 8.63 -22.76 -21.73
C SER A 134 9.48 -22.37 -20.55
N ASP A 135 9.54 -21.07 -20.27
CA ASP A 135 10.35 -20.56 -19.17
C ASP A 135 9.52 -20.20 -17.95
N CYS A 136 8.21 -20.32 -18.07
CA CYS A 136 7.31 -20.07 -16.95
C CYS A 136 5.99 -20.77 -17.19
N THR A 137 5.17 -20.87 -16.15
CA THR A 137 3.80 -21.33 -16.31
C THR A 137 2.88 -20.12 -16.35
N THR A 138 1.66 -20.35 -16.83
CA THR A 138 0.67 -19.30 -16.99
C THR A 138 -0.64 -19.78 -16.39
N ILE A 139 -1.27 -18.92 -15.61
CA ILE A 139 -2.59 -19.21 -15.09
CA ILE A 139 -2.61 -19.16 -15.05
C ILE A 139 -3.61 -18.33 -15.82
N HIS A 140 -4.81 -18.86 -16.01
CA HIS A 140 -5.86 -18.13 -16.71
C HIS A 140 -6.99 -17.80 -15.75
N TYR A 141 -7.15 -16.51 -15.46
CA TYR A 141 -8.20 -16.06 -14.56
C TYR A 141 -9.39 -15.53 -15.34
N ASN A 142 -10.56 -15.60 -14.72
CA ASN A 142 -11.79 -14.95 -15.21
C ASN A 142 -12.33 -14.07 -14.11
N TYR A 143 -12.77 -12.87 -14.46
CA TYR A 143 -13.42 -11.97 -13.50
C TYR A 143 -14.91 -11.93 -13.82
N MET A 144 -15.74 -12.23 -12.82
CA MET A 144 -17.13 -12.61 -13.09
C MET A 144 -18.21 -11.55 -12.79
N CYS A 145 -17.75 -10.30 -12.63
CA CYS A 145 -18.60 -9.11 -12.48
CA CYS A 145 -18.58 -9.12 -12.38
C CYS A 145 -17.91 -7.94 -13.09
N TYR A 146 -18.69 -6.98 -13.58
CA TYR A 146 -18.11 -5.72 -14.03
C TYR A 146 -17.74 -4.84 -12.84
N SER A 147 -16.70 -4.01 -13.00
CA SER A 147 -16.37 -3.02 -11.97
C SER A 147 -17.58 -2.16 -11.61
N SER A 148 -18.45 -1.93 -12.59
CA SER A 148 -19.61 -1.05 -12.42
C SER A 148 -20.82 -1.72 -11.79
N CYS A 149 -20.78 -3.02 -11.52
CA CYS A 149 -22.00 -3.72 -11.09
C CYS A 149 -22.60 -3.13 -9.81
N MET A 150 -23.86 -2.73 -9.90
CA MET A 150 -24.56 -2.17 -8.75
C MET A 150 -24.73 -3.19 -7.66
N GLY A 151 -24.54 -2.74 -6.42
CA GLY A 151 -24.68 -3.61 -5.27
C GLY A 151 -23.48 -4.53 -5.08
N GLY A 152 -22.52 -4.46 -5.99
CA GLY A 152 -21.27 -5.21 -5.88
C GLY A 152 -20.12 -4.22 -5.87
N MET A 153 -19.19 -4.36 -6.80
CA MET A 153 -18.06 -3.44 -6.84
C MET A 153 -18.51 -1.98 -7.00
N ASN A 154 -19.61 -1.75 -7.72
CA ASN A 154 -20.25 -0.43 -7.78
C ASN A 154 -19.27 0.70 -8.12
N ARG A 155 -18.47 0.45 -9.16
CA ARG A 155 -17.52 1.41 -9.75
CA ARG A 155 -17.52 1.40 -9.74
C ARG A 155 -16.26 1.62 -8.89
N ARG A 156 -16.15 0.89 -7.78
CA ARG A 156 -14.94 0.98 -6.95
C ARG A 156 -13.82 0.12 -7.54
N PRO A 157 -12.63 0.70 -7.72
N PRO A 157 -12.61 0.69 -7.65
CA PRO A 157 -11.50 -0.09 -8.22
CA PRO A 157 -11.45 -0.06 -8.16
C PRO A 157 -11.05 -1.19 -7.25
C PRO A 157 -11.04 -1.19 -7.23
N ILE A 158 -10.57 -2.30 -7.81
CA ILE A 158 -10.04 -3.39 -7.02
C ILE A 158 -8.61 -3.70 -7.40
N LEU A 159 -7.93 -4.37 -6.48
N LEU A 159 -7.96 -4.45 -6.52
CA LEU A 159 -6.64 -4.99 -6.76
CA LEU A 159 -6.60 -4.94 -6.74
C LEU A 159 -6.82 -6.49 -6.72
C LEU A 159 -6.60 -6.46 -6.57
N THR A 160 -6.04 -7.19 -7.52
CA THR A 160 -5.83 -8.62 -7.34
C THR A 160 -4.46 -8.82 -6.72
N ILE A 161 -4.42 -9.59 -5.63
CA ILE A 161 -3.19 -9.93 -4.95
C ILE A 161 -2.87 -11.39 -5.26
N ILE A 162 -1.69 -11.65 -5.82
CA ILE A 162 -1.27 -13.01 -6.11
C ILE A 162 -0.18 -13.39 -5.13
N THR A 163 -0.40 -14.46 -4.39
CA THR A 163 0.61 -14.90 -3.44
CA THR A 163 0.55 -14.92 -3.39
C THR A 163 1.12 -16.29 -3.75
N LEU A 164 2.43 -16.43 -3.62
CA LEU A 164 3.09 -17.72 -3.67
C LEU A 164 3.15 -18.22 -2.24
N GLU A 165 2.64 -19.43 -1.99
CA GLU A 165 2.48 -19.96 -0.64
C GLU A 165 3.13 -21.32 -0.51
N ASP A 166 3.62 -21.66 0.68
CA ASP A 166 4.05 -23.04 0.89
C ASP A 166 2.83 -23.91 1.18
N SER A 167 3.06 -25.19 1.45
CA SER A 167 1.95 -26.12 1.61
C SER A 167 1.05 -25.83 2.82
N SER A 168 1.57 -25.08 3.79
CA SER A 168 0.81 -24.62 4.96
C SER A 168 0.06 -23.33 4.76
N GLY A 169 0.32 -22.66 3.63
CA GLY A 169 -0.29 -21.37 3.38
C GLY A 169 0.59 -20.21 3.81
N ASN A 170 1.82 -20.49 4.24
CA ASN A 170 2.76 -19.43 4.62
C ASN A 170 3.25 -18.68 3.40
N LEU A 171 3.51 -17.39 3.59
CA LEU A 171 3.91 -16.49 2.51
C LEU A 171 5.32 -16.78 1.98
N LEU A 172 5.44 -16.99 0.67
CA LEU A 172 6.74 -17.10 0.01
C LEU A 172 7.02 -15.94 -0.95
N GLY A 173 5.97 -15.37 -1.52
CA GLY A 173 6.11 -14.29 -2.49
C GLY A 173 4.77 -13.60 -2.69
N ARG A 174 4.81 -12.34 -3.12
CA ARG A 174 3.57 -11.60 -3.36
C ARG A 174 3.76 -10.59 -4.49
N ASP A 175 2.71 -10.44 -5.30
CA ASP A 175 2.67 -9.39 -6.34
C ASP A 175 1.20 -8.98 -6.47
N SER A 176 0.93 -7.91 -7.18
CA SER A 176 -0.45 -7.44 -7.28
C SER A 176 -0.61 -6.51 -8.47
N PHE A 177 -1.86 -6.30 -8.87
CA PHE A 177 -2.20 -5.43 -9.97
C PHE A 177 -3.63 -4.95 -9.81
N GLU A 178 -3.91 -3.74 -10.27
CA GLU A 178 -5.28 -3.24 -10.28
C GLU A 178 -6.04 -3.92 -11.41
N VAL A 179 -7.36 -4.07 -11.26
CA VAL A 179 -8.19 -4.61 -12.32
C VAL A 179 -9.39 -3.73 -12.57
N ARG A 180 -9.71 -3.50 -13.85
CA ARG A 180 -11.00 -2.94 -14.24
C ARG A 180 -11.67 -3.94 -15.15
N VAL A 181 -12.88 -4.36 -14.78
CA VAL A 181 -13.65 -5.26 -15.61
C VAL A 181 -14.68 -4.39 -16.32
N CYS A 182 -14.62 -4.37 -17.65
CA CYS A 182 -15.36 -3.37 -18.40
C CYS A 182 -15.66 -3.84 -19.81
N ALA A 183 -16.56 -3.15 -20.49
CA ALA A 183 -17.00 -3.57 -21.80
C ALA A 183 -15.95 -3.36 -22.88
N CYS A 184 -15.14 -2.30 -22.76
CA CYS A 184 -14.15 -1.99 -23.78
CA CYS A 184 -14.16 -1.96 -23.79
C CYS A 184 -12.78 -1.71 -23.17
N PRO A 185 -12.07 -2.78 -22.81
CA PRO A 185 -10.76 -2.65 -22.16
C PRO A 185 -9.73 -1.84 -22.96
N GLY A 186 -9.74 -1.97 -24.28
CA GLY A 186 -8.78 -1.25 -25.11
C GLY A 186 -8.95 0.25 -25.03
N ARG A 187 -10.19 0.71 -25.19
CA ARG A 187 -10.51 2.11 -25.06
C ARG A 187 -10.22 2.63 -23.65
N ASP A 188 -10.62 1.87 -22.63
CA ASP A 188 -10.44 2.36 -21.27
C ASP A 188 -8.96 2.41 -20.90
N ARG A 189 -8.16 1.45 -21.36
CA ARG A 189 -6.73 1.52 -21.12
C ARG A 189 -6.14 2.76 -21.79
N ARG A 190 -6.53 3.04 -23.03
CA ARG A 190 -6.02 4.22 -23.74
C ARG A 190 -6.40 5.51 -23.00
N THR A 191 -7.65 5.59 -22.56
CA THR A 191 -8.13 6.78 -21.85
C THR A 191 -7.37 6.99 -20.55
N GLU A 192 -7.22 5.93 -19.76
CA GLU A 192 -6.57 6.09 -18.46
C GLU A 192 -5.07 6.36 -18.62
N GLU A 193 -4.43 5.78 -19.63
CA GLU A 193 -3.01 6.08 -19.89
C GLU A 193 -2.84 7.53 -20.35
N GLU A 194 -3.80 8.03 -21.11
CA GLU A 194 -3.77 9.43 -21.53
C GLU A 194 -3.98 10.35 -20.34
N ASN A 195 -4.92 10.00 -19.47
CA ASN A 195 -5.16 10.78 -18.26
C ASN A 195 -3.90 10.86 -17.39
N LEU A 196 -3.18 9.75 -17.31
CA LEU A 196 -1.94 9.70 -16.53
C LEU A 196 -0.89 10.60 -17.16
N ARG A 197 -0.79 10.57 -18.48
CA ARG A 197 0.16 11.39 -19.21
C ARG A 197 -0.14 12.87 -19.03
N SER B 1 -4.29 17.67 29.07
CA SER B 1 -3.32 17.53 27.98
C SER B 1 -2.09 16.77 28.43
N SER B 2 -1.02 16.81 27.63
CA SER B 2 0.11 15.92 27.83
C SER B 2 1.46 16.64 27.86
N SER B 3 2.47 15.98 28.43
CA SER B 3 3.84 16.51 28.43
C SER B 3 4.38 16.58 27.00
N VAL B 4 5.42 17.40 26.80
CA VAL B 4 5.91 17.66 25.46
C VAL B 4 7.18 16.89 25.16
N PRO B 5 7.13 16.01 24.14
CA PRO B 5 8.30 15.26 23.69
C PRO B 5 9.40 16.23 23.22
N SER B 6 10.65 15.88 23.49
CA SER B 6 11.77 16.68 23.00
C SER B 6 11.86 16.63 21.49
N GLN B 7 12.23 17.76 20.88
CA GLN B 7 12.49 17.81 19.45
C GLN B 7 13.95 18.20 19.17
N LYS B 8 14.80 18.12 20.18
CA LYS B 8 16.20 18.51 20.00
C LYS B 8 16.96 17.52 19.12
N THR B 9 17.61 18.02 18.08
CA THR B 9 18.43 17.19 17.23
C THR B 9 19.57 16.57 18.04
N TYR B 10 19.76 15.28 17.88
CA TYR B 10 20.75 14.54 18.66
C TYR B 10 21.26 13.38 17.82
N GLN B 11 22.46 13.48 17.27
CA GLN B 11 22.96 12.41 16.42
C GLN B 11 23.32 11.16 17.22
N GLY B 12 23.80 11.34 18.44
CA GLY B 12 24.13 10.21 19.30
C GLY B 12 25.31 9.40 18.81
N SER B 13 25.49 8.24 19.42
CA SER B 13 26.68 7.42 19.20
C SER B 13 26.80 6.88 17.79
N TYR B 14 25.67 6.74 17.11
CA TYR B 14 25.66 6.12 15.80
C TYR B 14 25.63 7.14 14.66
N GLY B 15 25.63 8.42 14.98
CA GLY B 15 25.61 9.47 13.96
C GLY B 15 24.32 9.46 13.17
N PHE B 16 23.21 9.37 13.88
CA PHE B 16 21.89 9.26 13.29
C PHE B 16 21.34 10.60 12.76
N ARG B 17 20.87 10.59 11.52
CA ARG B 17 20.19 11.75 10.96
C ARG B 17 19.33 11.35 9.78
N LEU B 18 18.35 12.19 9.46
CA LEU B 18 17.45 11.90 8.36
C LEU B 18 18.00 12.36 7.02
N GLY B 19 17.42 11.86 5.94
CA GLY B 19 17.67 12.40 4.62
C GLY B 19 16.41 12.38 3.80
N PHE B 20 16.33 13.26 2.80
CA PHE B 20 15.14 13.37 1.98
C PHE B 20 15.53 13.35 0.51
N LEU B 21 14.66 12.78 -0.31
CA LEU B 21 14.85 12.79 -1.75
C LEU B 21 14.72 14.21 -2.29
N HIS B 22 15.12 14.40 -3.54
CA HIS B 22 14.98 15.69 -4.20
C HIS B 22 13.95 15.56 -5.30
N SER B 23 12.68 15.73 -4.93
CA SER B 23 11.56 15.42 -5.82
C SER B 23 11.07 16.60 -6.64
N GLY B 24 11.57 17.80 -6.33
CA GLY B 24 11.19 18.98 -7.08
C GLY B 24 9.83 19.53 -6.70
N THR B 25 9.36 20.52 -7.45
CA THR B 25 8.14 21.23 -7.08
C THR B 25 7.09 21.30 -8.18
N ALA B 26 7.12 20.35 -9.12
CA ALA B 26 6.09 20.29 -10.16
C ALA B 26 4.73 20.16 -9.50
N LYS B 27 3.68 20.66 -10.14
CA LYS B 27 2.36 20.67 -9.52
C LYS B 27 1.85 19.24 -9.28
N SER B 28 2.41 18.28 -10.01
CA SER B 28 1.99 16.88 -9.89
C SER B 28 2.68 16.11 -8.76
N VAL B 29 3.69 16.70 -8.13
CA VAL B 29 4.50 15.98 -7.15
C VAL B 29 3.67 15.62 -5.91
N THR B 30 3.86 14.40 -5.40
CA THR B 30 3.04 13.91 -4.29
C THR B 30 3.70 14.15 -2.93
N CYS B 31 5.01 14.31 -2.94
CA CYS B 31 5.77 14.53 -1.71
C CYS B 31 7.02 15.29 -2.09
N THR B 32 7.35 16.34 -1.36
CA THR B 32 8.57 17.09 -1.66
C THR B 32 9.10 17.75 -0.40
N TYR B 33 10.41 17.78 -0.24
CA TYR B 33 11.04 18.29 0.97
C TYR B 33 11.80 19.59 0.71
N SER B 34 11.60 20.57 1.59
CA SER B 34 12.31 21.85 1.54
C SER B 34 13.44 21.91 2.56
N PRO B 35 14.70 21.82 2.10
CA PRO B 35 15.81 21.99 3.05
C PRO B 35 15.80 23.38 3.71
N ALA B 36 15.42 24.43 2.96
CA ALA B 36 15.47 25.77 3.52
C ALA B 36 14.49 25.94 4.68
N LEU B 37 13.35 25.25 4.60
CA LEU B 37 12.32 25.33 5.61
C LEU B 37 12.35 24.18 6.62
N ASN B 38 13.23 23.19 6.38
CA ASN B 38 13.16 21.88 7.05
C ASN B 38 11.73 21.38 7.12
N LYS B 39 11.08 21.31 5.96
CA LYS B 39 9.65 21.07 5.91
C LYS B 39 9.30 20.14 4.76
N LEU B 40 8.57 19.09 5.09
CA LEU B 40 8.04 18.14 4.12
C LEU B 40 6.62 18.54 3.73
N PHE B 41 6.34 18.58 2.44
CA PHE B 41 5.03 18.88 1.88
C PHE B 41 4.50 17.62 1.20
N CYS B 42 3.32 17.15 1.55
CA CYS B 42 2.86 15.91 0.96
C CYS B 42 1.36 15.89 0.78
N GLN B 43 0.89 15.09 -0.18
CA GLN B 43 -0.53 14.87 -0.36
C GLN B 43 -1.06 13.89 0.66
N LEU B 44 -2.36 13.93 0.89
CA LEU B 44 -3.04 13.05 1.84
C LEU B 44 -2.80 11.57 1.55
N ALA B 45 -2.27 10.87 2.54
CA ALA B 45 -2.09 9.41 2.52
C ALA B 45 -1.08 8.90 1.49
N LYS B 46 -0.34 9.79 0.83
CA LYS B 46 0.64 9.37 -0.16
C LYS B 46 1.98 9.01 0.47
N THR B 47 2.78 8.24 -0.25
CA THR B 47 4.09 7.80 0.20
C THR B 47 5.05 8.95 0.47
N CYS B 48 5.61 8.98 1.68
CA CYS B 48 6.64 9.93 2.05
C CYS B 48 7.93 9.19 2.41
N PRO B 49 8.91 9.16 1.49
CA PRO B 49 10.16 8.47 1.78
C PRO B 49 11.06 9.28 2.70
N VAL B 50 11.54 8.65 3.76
CA VAL B 50 12.47 9.28 4.67
C VAL B 50 13.68 8.36 4.84
N GLN B 51 14.85 8.86 4.46
CA GLN B 51 16.09 8.09 4.62
C GLN B 51 16.58 8.13 6.05
N LEU B 52 17.15 7.01 6.48
CA LEU B 52 17.70 6.89 7.82
C LEU B 52 19.21 6.70 7.71
N TRP B 53 19.98 7.73 8.02
CA TRP B 53 21.44 7.68 7.88
C TRP B 53 22.13 7.46 9.21
N VAL B 54 23.16 6.61 9.22
CA VAL B 54 24.02 6.45 10.38
C VAL B 54 25.48 6.37 9.94
N ASP B 55 26.39 6.80 10.82
CA ASP B 55 27.83 6.60 10.59
C ASP B 55 28.29 5.19 10.98
N SER B 56 27.57 4.59 11.93
CA SER B 56 27.93 3.29 12.50
C SER B 56 26.70 2.41 12.56
N THR B 57 26.85 1.12 12.27
CA THR B 57 25.76 0.17 12.31
C THR B 57 25.27 -0.04 13.75
N PRO B 58 23.98 0.22 14.01
CA PRO B 58 23.44 -0.02 15.36
C PRO B 58 23.13 -1.50 15.59
N PRO B 59 22.91 -1.88 16.86
CA PRO B 59 22.71 -3.31 17.17
C PRO B 59 21.40 -3.88 16.62
N PRO B 60 21.36 -5.20 16.40
CA PRO B 60 20.09 -5.83 16.07
C PRO B 60 19.06 -5.53 17.16
N GLY B 61 17.84 -5.18 16.76
CA GLY B 61 16.83 -4.84 17.75
C GLY B 61 16.64 -3.35 17.93
N THR B 62 17.55 -2.56 17.35
CA THR B 62 17.35 -1.11 17.32
C THR B 62 16.09 -0.81 16.51
N ARG B 63 15.34 0.24 16.88
CA ARG B 63 14.10 0.58 16.21
C ARG B 63 14.05 2.05 15.86
N VAL B 64 13.12 2.41 14.97
CA VAL B 64 12.92 3.80 14.55
C VAL B 64 11.47 4.18 14.77
N ARG B 65 11.24 5.21 15.57
CA ARG B 65 9.90 5.67 15.95
C ARG B 65 9.59 7.04 15.34
N ALA B 66 8.34 7.24 14.94
CA ALA B 66 7.83 8.52 14.45
C ALA B 66 6.68 8.99 15.32
N MET B 67 6.69 10.28 15.65
CA MET B 67 5.64 10.89 16.47
C MET B 67 5.42 12.31 15.98
N ALA B 68 4.17 12.76 15.91
CA ALA B 68 3.88 14.16 15.56
C ALA B 68 3.62 15.00 16.81
N ILE B 69 4.09 16.24 16.80
CA ILE B 69 3.67 17.24 17.79
C ILE B 69 3.32 18.55 17.08
N TYR B 70 2.51 19.39 17.73
CA TYR B 70 2.25 20.72 17.18
C TYR B 70 3.49 21.58 17.35
N LYS B 71 3.78 22.38 16.32
CA LYS B 71 4.98 23.21 16.31
C LYS B 71 4.87 24.42 17.24
N GLN B 72 3.70 25.06 17.27
CA GLN B 72 3.54 26.29 18.04
C GLN B 72 3.46 26.01 19.53
N SER B 73 4.13 26.85 20.32
CA SER B 73 4.18 26.66 21.77
C SER B 73 2.79 26.56 22.40
N GLN B 74 1.80 27.29 21.86
CA GLN B 74 0.47 27.27 22.44
C GLN B 74 -0.28 25.95 22.21
N HIS B 75 0.18 25.17 21.23
CA HIS B 75 -0.51 23.93 20.88
C HIS B 75 0.30 22.68 21.21
N MET B 76 1.55 22.84 21.62
CA MET B 76 2.44 21.69 21.76
C MET B 76 1.98 20.66 22.80
N THR B 77 1.22 21.06 23.80
CA THR B 77 0.76 20.08 24.80
C THR B 77 -0.45 19.26 24.34
N GLU B 78 -1.02 19.61 23.20
CA GLU B 78 -2.17 18.88 22.67
C GLU B 78 -1.72 17.70 21.81
N VAL B 79 -2.30 16.52 22.06
CA VAL B 79 -1.99 15.36 21.24
C VAL B 79 -2.40 15.59 19.79
N VAL B 80 -1.48 15.34 18.86
CA VAL B 80 -1.79 15.39 17.43
C VAL B 80 -2.53 14.11 17.05
N ARG B 81 -3.74 14.24 16.54
CA ARG B 81 -4.54 13.08 16.17
C ARG B 81 -5.32 13.36 14.90
N ARG B 82 -5.87 12.33 14.29
CA ARG B 82 -6.75 12.52 13.15
C ARG B 82 -8.06 13.21 13.58
N CYS B 83 -8.65 13.93 12.62
CA CYS B 83 -9.81 14.75 12.85
C CYS B 83 -11.09 13.90 13.07
N PRO B 84 -12.19 14.54 13.51
CA PRO B 84 -13.39 13.76 13.81
C PRO B 84 -13.99 13.06 12.60
N HIS B 85 -13.70 13.54 11.41
CA HIS B 85 -14.13 12.85 10.21
C HIS B 85 -13.24 11.65 9.88
N HIS B 86 -11.93 11.88 9.77
CA HIS B 86 -11.06 10.82 9.28
C HIS B 86 -10.89 9.67 10.27
N GLU B 87 -11.03 9.92 11.57
CA GLU B 87 -10.92 8.81 12.53
C GLU B 87 -12.11 7.86 12.39
N ARG B 88 -13.15 8.30 11.68
CA ARG B 88 -14.39 7.51 11.49
C ARG B 88 -14.63 7.02 10.06
N CYS B 89 -13.61 7.02 9.19
N CYS B 89 -13.57 7.01 9.24
CA CYS B 89 -13.89 6.67 7.80
CA CYS B 89 -13.69 6.70 7.81
C CYS B 89 -13.44 5.27 7.41
C CYS B 89 -13.57 5.24 7.43
N SER B 90 -13.25 4.39 8.40
CA SER B 90 -12.98 2.96 8.16
C SER B 90 -11.86 2.73 7.17
N ASP B 91 -10.80 3.52 7.25
CA ASP B 91 -9.72 3.40 6.28
C ASP B 91 -8.42 2.83 6.86
N SER B 92 -8.52 2.16 8.01
CA SER B 92 -7.35 1.51 8.58
C SER B 92 -6.88 0.34 7.71
N ASP B 93 -5.66 -0.09 7.97
CA ASP B 93 -5.09 -1.24 7.28
C ASP B 93 -5.08 -2.46 8.19
N GLY B 94 -5.87 -2.40 9.26
CA GLY B 94 -5.89 -3.48 10.24
C GLY B 94 -4.77 -3.39 11.27
N LEU B 95 -3.79 -2.54 11.01
CA LEU B 95 -2.66 -2.37 11.92
C LEU B 95 -2.73 -1.01 12.62
N ALA B 96 -2.80 0.06 11.83
CA ALA B 96 -2.89 1.40 12.39
C ALA B 96 -4.25 1.67 13.01
N PRO B 97 -4.27 2.13 14.27
CA PRO B 97 -5.54 2.60 14.81
C PRO B 97 -6.05 3.76 13.95
N PRO B 98 -7.38 3.87 13.79
CA PRO B 98 -7.92 4.92 12.91
C PRO B 98 -7.65 6.33 13.43
N GLN B 99 -7.26 6.48 14.69
CA GLN B 99 -6.93 7.81 15.24
C GLN B 99 -5.54 8.30 14.87
N HIS B 100 -4.66 7.39 14.46
CA HIS B 100 -3.24 7.77 14.28
C HIS B 100 -2.99 8.53 12.99
N LEU B 101 -2.38 9.70 13.12
CA LEU B 101 -2.04 10.51 11.95
C LEU B 101 -0.99 9.85 11.06
N ILE B 102 0.06 9.32 11.69
CA ILE B 102 1.20 8.79 10.93
C ILE B 102 1.13 7.28 10.84
N ARG B 103 1.13 6.77 9.61
CA ARG B 103 1.26 5.34 9.36
C ARG B 103 2.60 5.03 8.69
N VAL B 104 3.05 3.78 8.86
CA VAL B 104 4.13 3.26 8.04
C VAL B 104 3.52 2.41 6.96
N GLU B 105 3.93 2.65 5.72
CA GLU B 105 3.45 1.93 4.55
C GLU B 105 4.30 0.70 4.27
N GLY B 106 3.66 -0.45 4.07
CA GLY B 106 4.32 -1.65 3.59
C GLY B 106 5.32 -2.29 4.55
N ASN B 107 5.00 -2.32 5.83
CA ASN B 107 5.85 -2.99 6.81
C ASN B 107 5.00 -3.67 7.87
N LEU B 108 4.87 -4.99 7.77
CA LEU B 108 4.03 -5.74 8.69
C LEU B 108 4.59 -5.78 10.11
N ARG B 109 5.83 -5.33 10.27
CA ARG B 109 6.44 -5.29 11.60
C ARG B 109 6.25 -3.93 12.27
N ALA B 110 5.53 -3.02 11.62
CA ALA B 110 5.21 -1.75 12.26
C ALA B 110 4.33 -1.98 13.47
N GLU B 111 4.63 -1.27 14.55
CA GLU B 111 3.83 -1.31 15.76
C GLU B 111 3.35 0.09 16.08
N TYR B 112 2.10 0.19 16.53
CA TYR B 112 1.46 1.44 16.85
C TYR B 112 1.25 1.55 18.35
N LEU B 113 1.74 2.63 18.94
CA LEU B 113 1.64 2.85 20.38
C LEU B 113 0.67 3.98 20.72
N ASP B 114 -0.26 3.70 21.63
CA ASP B 114 -1.01 4.70 22.37
C ASP B 114 -0.34 4.80 23.74
N ASP B 115 0.43 5.85 23.99
CA ASP B 115 1.15 5.94 25.25
C ASP B 115 0.15 6.00 26.41
N ARG B 116 0.32 5.11 27.37
CA ARG B 116 -0.64 4.96 28.45
C ARG B 116 -0.60 6.15 29.42
N ASN B 117 0.50 6.89 29.40
CA ASN B 117 0.64 8.03 30.30
C ASN B 117 0.38 9.37 29.61
N THR B 118 0.96 9.55 28.42
CA THR B 118 0.89 10.83 27.72
C THR B 118 -0.21 10.86 26.66
N PHE B 119 -0.73 9.69 26.32
CA PHE B 119 -1.77 9.52 25.29
C PHE B 119 -1.32 9.89 23.89
N ARG B 120 -0.03 10.11 23.71
CA ARG B 120 0.45 10.40 22.36
C ARG B 120 0.58 9.14 21.51
N HIS B 121 0.42 9.34 20.22
CA HIS B 121 0.51 8.26 19.24
C HIS B 121 1.89 8.19 18.64
N SER B 122 2.34 6.98 18.33
CA SER B 122 3.57 6.82 17.56
C SER B 122 3.56 5.51 16.82
N VAL B 123 4.42 5.41 15.82
CA VAL B 123 4.57 4.19 15.05
C VAL B 123 6.05 3.87 14.98
N VAL B 124 6.39 2.60 15.23
CA VAL B 124 7.78 2.20 15.38
C VAL B 124 8.04 0.95 14.55
N VAL B 125 9.20 0.89 13.91
CA VAL B 125 9.60 -0.27 13.13
C VAL B 125 11.01 -0.74 13.48
N PRO B 126 11.31 -2.02 13.22
CA PRO B 126 12.67 -2.46 13.48
C PRO B 126 13.63 -1.91 12.44
N CYS B 127 14.82 -1.52 12.87
CA CYS B 127 15.91 -1.23 11.93
C CYS B 127 16.24 -2.47 11.12
N GLU B 128 16.53 -2.28 9.83
CA GLU B 128 17.04 -3.35 8.99
C GLU B 128 18.35 -2.91 8.38
N PRO B 129 19.20 -3.87 7.97
CA PRO B 129 20.41 -3.49 7.25
C PRO B 129 20.07 -2.97 5.85
N PRO B 130 20.88 -2.04 5.32
CA PRO B 130 20.66 -1.61 3.94
C PRO B 130 20.83 -2.75 2.97
N GLU B 131 20.11 -2.70 1.86
CA GLU B 131 20.28 -3.68 0.79
C GLU B 131 21.63 -3.46 0.13
N VAL B 132 22.14 -4.50 -0.52
CA VAL B 132 23.36 -4.38 -1.32
C VAL B 132 23.14 -3.28 -2.37
N GLY B 133 24.10 -2.37 -2.47
CA GLY B 133 24.00 -1.28 -3.43
C GLY B 133 23.29 -0.05 -2.90
N SER B 134 22.84 -0.11 -1.64
CA SER B 134 22.26 1.05 -0.98
C SER B 134 23.08 1.46 0.23
N ASP B 135 23.16 2.77 0.46
CA ASP B 135 23.96 3.30 1.57
C ASP B 135 23.13 3.61 2.81
N CYS B 136 21.83 3.45 2.71
CA CYS B 136 20.94 3.66 3.84
C CYS B 136 19.64 2.94 3.58
N THR B 137 18.83 2.79 4.63
CA THR B 137 17.46 2.31 4.46
C THR B 137 16.51 3.51 4.43
N THR B 138 15.31 3.25 3.96
CA THR B 138 14.30 4.28 3.77
C THR B 138 12.99 3.76 4.34
N ILE B 139 12.33 4.58 5.14
CA ILE B 139 11.00 4.28 5.65
CA ILE B 139 11.02 4.24 5.62
C ILE B 139 9.98 5.07 4.84
N HIS B 140 8.81 4.49 4.62
CA HIS B 140 7.76 5.21 3.91
CA HIS B 140 7.73 5.17 3.90
C HIS B 140 6.61 5.50 4.87
N TYR B 141 6.39 6.80 5.11
CA TYR B 141 5.30 7.24 5.96
C TYR B 141 4.10 7.70 5.16
N ASN B 142 2.92 7.59 5.74
CA ASN B 142 1.71 8.18 5.19
C ASN B 142 1.10 9.09 6.26
N TYR B 143 0.68 10.29 5.87
CA TYR B 143 0.00 11.21 6.78
C TYR B 143 -1.48 11.23 6.44
N MET B 144 -2.31 10.95 7.44
CA MET B 144 -3.70 10.55 7.16
C MET B 144 -4.79 11.62 7.39
N CYS B 145 -4.36 12.86 7.59
CA CYS B 145 -5.22 14.05 7.58
C CYS B 145 -4.51 15.16 6.85
N TYR B 146 -5.28 16.08 6.27
CA TYR B 146 -4.75 17.35 5.79
C TYR B 146 -4.39 18.23 6.96
N SER B 147 -3.39 19.08 6.80
CA SER B 147 -3.10 20.08 7.81
C SER B 147 -4.34 20.92 8.14
N SER B 148 -5.21 21.11 7.16
CA SER B 148 -6.40 21.95 7.31
C SER B 148 -7.59 21.24 7.97
N CYS B 149 -7.49 19.94 8.27
CA CYS B 149 -8.68 19.21 8.70
C CYS B 149 -9.36 19.82 9.92
N MET B 150 -10.63 20.18 9.76
CA MET B 150 -11.43 20.77 10.82
C MET B 150 -11.52 19.84 12.03
N GLY B 151 -11.35 20.38 13.23
CA GLY B 151 -11.45 19.57 14.43
C GLY B 151 -10.24 18.68 14.70
N GLY B 152 -9.27 18.69 13.79
CA GLY B 152 -8.03 17.96 13.97
C GLY B 152 -6.89 18.97 13.96
N MET B 153 -5.95 18.82 13.04
CA MET B 153 -4.85 19.78 12.98
C MET B 153 -5.35 21.22 12.76
N ASN B 154 -6.42 21.39 11.98
CA ASN B 154 -7.09 22.69 11.84
C ASN B 154 -6.14 23.83 11.51
N ARG B 155 -5.29 23.58 10.52
CA ARG B 155 -4.34 24.56 9.95
C ARG B 155 -3.13 24.82 10.83
N ARG B 156 -3.03 24.11 11.95
CA ARG B 156 -1.87 24.25 12.84
C ARG B 156 -0.70 23.42 12.33
N PRO B 157 0.48 24.04 12.18
CA PRO B 157 1.66 23.31 11.73
CA PRO B 157 1.65 23.28 11.72
C PRO B 157 2.11 22.24 12.73
N ILE B 158 2.61 21.12 12.21
CA ILE B 158 3.14 20.07 13.03
C ILE B 158 4.60 19.78 12.69
N LEU B 159 5.26 19.13 13.63
CA LEU B 159 6.58 18.51 13.41
C LEU B 159 6.43 17.01 13.52
N THR B 160 7.21 16.28 12.73
CA THR B 160 7.44 14.86 12.99
C THR B 160 8.79 14.72 13.66
N ILE B 161 8.81 14.00 14.77
CA ILE B 161 10.04 13.68 15.48
C ILE B 161 10.38 12.22 15.23
N ILE B 162 11.58 11.96 14.71
CA ILE B 162 12.03 10.60 14.45
C ILE B 162 13.09 10.26 15.45
N THR B 163 12.87 9.17 16.17
CA THR B 163 13.85 8.74 17.16
CA THR B 163 13.79 8.72 17.20
C THR B 163 14.38 7.36 16.86
N LEU B 164 15.70 7.24 16.99
CA LEU B 164 16.37 5.96 16.96
C LEU B 164 16.42 5.46 18.39
N GLU B 165 15.96 4.23 18.64
CA GLU B 165 15.80 3.69 19.99
C GLU B 165 16.42 2.32 20.11
N ASP B 166 16.89 1.96 21.30
CA ASP B 166 17.30 0.57 21.49
C ASP B 166 16.08 -0.30 21.75
N SER B 167 16.29 -1.59 22.00
CA SER B 167 15.16 -2.51 22.10
C SER B 167 14.28 -2.27 23.33
N SER B 168 14.79 -1.52 24.30
CA SER B 168 14.01 -1.10 25.49
C SER B 168 13.24 0.19 25.27
N GLY B 169 13.52 0.89 24.17
CA GLY B 169 12.90 2.18 23.92
C GLY B 169 13.75 3.36 24.38
N ASN B 170 14.98 3.08 24.83
CA ASN B 170 15.87 4.17 25.23
C ASN B 170 16.37 4.95 24.02
N LEU B 171 16.52 6.26 24.19
CA LEU B 171 16.92 7.16 23.13
C LEU B 171 18.36 6.91 22.66
N LEU B 172 18.55 6.73 21.36
CA LEU B 172 19.88 6.67 20.76
C LEU B 172 20.17 7.86 19.84
N GLY B 173 19.13 8.42 19.24
CA GLY B 173 19.29 9.52 18.29
C GLY B 173 17.95 10.16 18.03
N ARG B 174 17.96 11.42 17.59
CA ARG B 174 16.73 12.17 17.36
C ARG B 174 16.91 13.16 16.23
N ASP B 175 15.88 13.31 15.39
CA ASP B 175 15.86 14.33 14.35
C ASP B 175 14.40 14.70 14.14
N SER B 176 14.13 15.74 13.36
CA SER B 176 12.75 16.20 13.20
C SER B 176 12.61 17.05 11.96
N PHE B 177 11.37 17.19 11.50
CA PHE B 177 11.05 18.02 10.35
C PHE B 177 9.59 18.48 10.44
N GLU B 178 9.32 19.67 9.92
CA GLU B 178 7.94 20.16 9.86
C GLU B 178 7.21 19.43 8.72
N VAL B 179 5.89 19.30 8.83
CA VAL B 179 5.10 18.69 7.78
C VAL B 179 3.89 19.54 7.47
N ARG B 180 3.61 19.72 6.18
CA ARG B 180 2.33 20.24 5.74
C ARG B 180 1.69 19.19 4.83
N VAL B 181 0.49 18.74 5.18
CA VAL B 181 -0.24 17.81 4.34
C VAL B 181 -1.25 18.64 3.57
N CYS B 182 -1.19 18.61 2.24
CA CYS B 182 -1.92 19.56 1.42
C CYS B 182 -2.18 19.01 0.03
N ALA B 183 -3.10 19.66 -0.68
CA ALA B 183 -3.49 19.20 -2.01
C ALA B 183 -2.39 19.36 -3.06
N CYS B 184 -1.61 20.43 -2.95
CA CYS B 184 -0.60 20.75 -3.96
CA CYS B 184 -0.59 20.72 -3.96
C CYS B 184 0.74 21.05 -3.30
N PRO B 185 1.47 20.01 -2.89
CA PRO B 185 2.77 20.18 -2.20
C PRO B 185 3.77 21.00 -3.00
N GLY B 186 3.81 20.79 -4.32
CA GLY B 186 4.77 21.49 -5.16
C GLY B 186 4.56 22.99 -5.14
N ARG B 187 3.30 23.40 -5.31
CA ARG B 187 2.96 24.82 -5.29
C ARG B 187 3.18 25.40 -3.90
N ASP B 188 2.79 24.67 -2.85
CA ASP B 188 2.91 25.23 -1.52
C ASP B 188 4.37 25.34 -1.10
N ARG B 189 5.21 24.39 -1.50
CA ARG B 189 6.64 24.52 -1.22
C ARG B 189 7.20 25.75 -1.92
N ARG B 190 6.85 25.96 -3.19
CA ARG B 190 7.36 27.13 -3.91
C ARG B 190 6.90 28.42 -3.24
N THR B 191 5.63 28.46 -2.85
CA THR B 191 5.08 29.64 -2.20
C THR B 191 5.79 29.94 -0.88
N GLU B 192 5.94 28.93 -0.04
CA GLU B 192 6.54 29.14 1.26
C GLU B 192 8.03 29.46 1.17
N GLU B 193 8.72 28.89 0.19
CA GLU B 193 10.13 29.24 -0.04
C GLU B 193 10.28 30.66 -0.57
N GLU B 194 9.31 31.11 -1.38
CA GLU B 194 9.31 32.49 -1.87
C GLU B 194 9.05 33.47 -0.72
N ASN B 195 8.14 33.09 0.17
CA ASN B 195 7.83 33.91 1.33
C ASN B 195 9.04 34.04 2.23
N LEU B 196 9.82 32.96 2.34
CA LEU B 196 11.04 32.97 3.13
C LEU B 196 12.03 33.97 2.55
N ARG B 197 12.18 33.96 1.24
CA ARG B 197 13.11 34.86 0.57
C ARG B 197 12.73 36.33 0.76
N LYS B 198 11.44 36.64 0.70
CA LYS B 198 11.00 38.02 0.88
C LYS B 198 10.68 38.31 2.35
ZN ZN C . -22.14 -8.23 -11.33
C1 GOL D . 0.69 -23.07 -11.76
O1 GOL D . 1.93 -23.51 -12.20
C2 GOL D . -0.40 -23.33 -12.76
O2 GOL D . -0.48 -24.66 -13.11
C3 GOL D . -0.23 -22.51 -13.99
O3 GOL D . -1.44 -22.57 -14.68
C1 GOH E . 7.66 -25.64 -9.96
N1 GOH E . 8.51 -25.16 -10.85
C2 GOH E . 8.10 -23.87 -11.18
C3 GOH E . 6.94 -23.60 -10.45
O GOH E . 6.64 -24.72 -9.65
C4 GOH E . 8.74 -23.03 -12.11
N2 GOH E . 6.09 -22.53 -10.35
C5 GOH E . 7.61 -26.93 -9.27
C6 GOH E . 6.41 -21.29 -9.79
C7 GOH E . 5.26 -20.49 -9.88
C8 GOH E . 4.22 -21.26 -10.50
C9 GOH E . 4.75 -22.51 -10.79
N3 GOH E . 8.16 -21.96 -12.79
N4 GOH E . 9.10 -21.49 -13.54
N5 GOH E . 10.22 -22.20 -13.39
N6 GOH E . 10.07 -23.16 -12.55
C10 GOH E . 7.09 -26.99 -7.86
C11 GOH E . 6.27 -27.57 -8.99
ZN ZN F . -8.80 14.70 8.70
C1 GOL G . 14.27 0.61 8.90
O1 GOL G . 15.55 0.18 8.55
C2 GOL G . 13.22 0.17 7.93
O2 GOL G . 13.26 -1.19 7.72
C3 GOL G . 13.34 0.88 6.63
O3 GOL G . 12.14 0.73 5.95
C1 PEG H . 14.31 19.95 -5.49
O1 PEG H . 13.82 19.01 -4.62
C2 PEG H . 15.60 19.49 -6.08
O2 PEG H . 15.57 19.65 -7.46
C3 PEG H . 15.69 18.56 -8.29
C4 PEG H . 14.34 18.12 -8.73
O4 PEG H . 14.48 17.16 -9.72
C1 GOH I . 21.17 -1.94 10.76
N1 GOH I . 22.06 -1.43 9.91
C2 GOH I . 21.66 -0.13 9.62
C3 GOH I . 20.47 0.12 10.32
O GOH I . 20.13 -1.02 11.06
C4 GOH I . 22.35 0.76 8.74
N2 GOH I . 19.63 1.20 10.43
C5 GOH I . 21.07 -3.23 11.40
C6 GOH I . 19.96 2.45 10.97
C7 GOH I . 18.83 3.26 10.90
C8 GOH I . 17.78 2.49 10.30
C9 GOH I . 18.29 1.22 10.00
N3 GOH I . 21.78 1.82 8.04
N4 GOH I . 22.76 2.34 7.38
N5 GOH I . 23.89 1.67 7.60
N6 GOH I . 23.70 0.70 8.43
C10 GOH I . 20.53 -3.33 12.81
C11 GOH I . 19.71 -3.84 11.66
#